data_3I9N
#
_entry.id   3I9N
#
_cell.length_a   41.977
_cell.length_b   54.371
_cell.length_c   64.258
_cell.angle_alpha   109.82
_cell.angle_beta   90.92
_cell.angle_gamma   94.86
#
_symmetry.space_group_name_H-M   'P 1'
#
loop_
_entity.id
_entity.type
_entity.pdbx_description
1 polymer 'ADP-ribosyl cyclase 1'
2 non-polymer '[(2R,3S,4R,5R)-5-(6-amino-9H-purin-9-yl)-3,4-dihydroxytetrahydrofuran-2-yl]methyl [(2R,3R,4S)-4-fluoro-3-hydroxytetrahydrofuran-2-yl]methyl dihydrogen diphosphate'
3 water water
#
_entity_poly.entity_id   1
_entity_poly.type   'polypeptide(L)'
_entity_poly.pdbx_seq_one_letter_code
;KREAEARWRQTWSGPGTTKRFPETVLARCVKYTEIHPEMRHVDCQSVWDAFKGAFISKHPCDITEEDYQPLMKLGTQTVP
CNKILLWSRIKDLAHQFTQVQRDMFTLEDTLLGYLADDLTWCGEFDTSKINYQSCPDWRKDCSNNPVSVFWKTVSRRFAE
AACDVVHVMLDGSRSKIFDKDSTFGSVEVHNLQPEKVQTLEAWVIHGGREDSRDLCQDPTIKELESIISKRNIQFSCKNI
YRPDKFLQCVKNPEDSSCTSEI
;
_entity_poly.pdbx_strand_id   A,B
#
loop_
_chem_comp.id
_chem_comp.type
_chem_comp.name
_chem_comp.formula
AVW non-polymer '[(2R,3S,4R,5R)-5-(6-amino-9H-purin-9-yl)-3,4-dihydroxytetrahydrofuran-2-yl]methyl [(2R,3R,4S)-4-fluoro-3-hydroxytetrahydrofuran-2-yl]methyl dihydrogen diphosphate' 'C15 H22 F N5 O12 P2'
#
# COMPACT_ATOMS: atom_id res chain seq x y z
N ARG A 7 -28.45 -29.43 -7.86
CA ARG A 7 -28.51 -28.17 -7.05
C ARG A 7 -28.77 -26.93 -7.91
N TRP A 8 -29.85 -26.25 -7.53
CA TRP A 8 -30.51 -25.28 -8.34
C TRP A 8 -30.06 -23.86 -8.02
N ARG A 9 -29.10 -23.70 -7.09
CA ARG A 9 -28.61 -22.35 -6.74
C ARG A 9 -27.11 -22.26 -6.74
N GLN A 10 -26.60 -21.07 -7.08
CA GLN A 10 -25.19 -20.78 -7.09
C GLN A 10 -24.79 -20.02 -5.84
N THR A 11 -23.56 -20.23 -5.38
CA THR A 11 -23.10 -19.51 -4.21
C THR A 11 -22.97 -18.00 -4.43
N TRP A 12 -22.46 -17.58 -5.60
CA TRP A 12 -22.15 -16.17 -5.80
C TRP A 12 -22.97 -15.53 -6.97
N SER A 13 -22.90 -14.22 -7.05
CA SER A 13 -23.57 -13.49 -8.07
C SER A 13 -22.78 -13.39 -9.36
N GLY A 14 -21.49 -13.62 -9.32
CA GLY A 14 -20.66 -13.36 -10.49
C GLY A 14 -20.42 -14.59 -11.32
N PRO A 15 -20.04 -14.41 -12.61
CA PRO A 15 -19.85 -15.65 -13.42
C PRO A 15 -18.74 -16.51 -12.82
N GLY A 16 -18.82 -17.81 -12.97
CA GLY A 16 -17.79 -18.67 -12.40
C GLY A 16 -16.59 -18.68 -13.33
N THR A 17 -15.65 -19.55 -13.02
CA THR A 17 -14.40 -19.67 -13.75
C THR A 17 -14.59 -19.95 -15.24
N THR A 18 -13.71 -19.35 -16.03
CA THR A 18 -13.75 -19.50 -17.46
C THR A 18 -13.45 -20.94 -17.79
N LYS A 19 -14.17 -21.49 -18.75
CA LYS A 19 -13.97 -22.89 -19.10
C LYS A 19 -12.53 -23.19 -19.51
N ARG A 20 -12.03 -24.33 -19.06
CA ARG A 20 -10.69 -24.80 -19.43
C ARG A 20 -9.61 -23.88 -18.91
N PHE A 21 -9.89 -23.29 -17.75
CA PHE A 21 -9.00 -22.28 -17.20
C PHE A 21 -7.52 -22.72 -17.04
N PRO A 22 -7.25 -23.81 -16.34
CA PRO A 22 -5.83 -24.24 -16.21
C PRO A 22 -5.20 -24.44 -17.59
N GLU A 23 -5.87 -25.19 -18.47
CA GLU A 23 -5.38 -25.37 -19.84
C GLU A 23 -5.13 -24.03 -20.55
N THR A 24 -6.00 -23.06 -20.32
CA THR A 24 -5.98 -21.80 -21.07
C THR A 24 -4.86 -20.90 -20.61
N VAL A 25 -4.57 -20.94 -19.31
CA VAL A 25 -3.52 -20.10 -18.76
C VAL A 25 -2.18 -20.66 -19.23
N LEU A 26 -2.02 -21.98 -19.10
CA LEU A 26 -0.76 -22.63 -19.49
C LEU A 26 -0.45 -22.34 -20.95
N ALA A 27 -1.45 -22.51 -21.81
CA ALA A 27 -1.28 -22.25 -23.21
C ALA A 27 -0.85 -20.82 -23.48
N ARG A 28 -1.45 -19.86 -22.79
CA ARG A 28 -1.12 -18.46 -22.98
C ARG A 28 0.33 -18.21 -22.49
N CYS A 29 0.71 -18.90 -21.45
CA CYS A 29 2.05 -18.77 -20.95
C CYS A 29 3.04 -19.32 -22.02
N VAL A 30 2.74 -20.50 -22.57
CA VAL A 30 3.59 -21.08 -23.61
C VAL A 30 3.72 -20.15 -24.84
N LYS A 31 2.58 -19.69 -25.37
CA LYS A 31 2.59 -18.75 -26.47
C LYS A 31 3.36 -17.44 -26.17
N TYR A 32 3.15 -16.85 -25.01
CA TYR A 32 3.90 -15.65 -24.65
C TYR A 32 5.44 -15.83 -24.52
N THR A 33 5.88 -16.92 -23.90
CA THR A 33 7.29 -17.07 -23.63
C THR A 33 8.04 -17.53 -24.89
N GLU A 34 7.32 -18.12 -25.83
CA GLU A 34 7.93 -18.48 -27.09
C GLU A 34 7.99 -17.28 -28.02
N ILE A 35 7.04 -16.36 -27.87
CA ILE A 35 6.98 -15.20 -28.74
C ILE A 35 7.95 -14.10 -28.29
N HIS A 36 8.03 -13.88 -26.98
CA HIS A 36 8.93 -12.89 -26.41
C HIS A 36 10.22 -13.52 -25.85
N PRO A 37 11.35 -13.17 -26.45
CA PRO A 37 12.62 -13.87 -26.21
C PRO A 37 13.19 -13.65 -24.82
N GLU A 38 12.90 -12.49 -24.24
CA GLU A 38 13.38 -12.18 -22.90
C GLU A 38 12.60 -12.95 -21.83
N MET A 39 11.39 -13.42 -22.16
CA MET A 39 10.57 -14.21 -21.22
C MET A 39 10.79 -15.70 -21.39
N ARG A 40 11.85 -16.05 -22.10
CA ARG A 40 12.06 -17.42 -22.51
C ARG A 40 12.61 -18.26 -21.33
N HIS A 41 13.03 -17.58 -20.26
CA HIS A 41 13.65 -18.20 -19.09
C HIS A 41 12.59 -18.69 -18.09
N VAL A 42 11.32 -18.59 -18.46
CA VAL A 42 10.22 -18.79 -17.53
C VAL A 42 9.65 -20.21 -17.58
N ASP A 43 9.48 -20.85 -16.42
CA ASP A 43 8.91 -22.20 -16.37
C ASP A 43 7.38 -22.08 -16.34
N CYS A 44 6.71 -22.48 -17.40
CA CYS A 44 5.28 -22.21 -17.54
C CYS A 44 4.42 -22.98 -16.55
N GLN A 45 4.84 -24.20 -16.25
CA GLN A 45 4.17 -25.02 -15.27
C GLN A 45 4.44 -24.45 -13.88
N SER A 46 5.65 -23.97 -13.64
CA SER A 46 5.97 -23.29 -12.40
C SER A 46 5.08 -22.04 -12.25
N VAL A 47 4.89 -21.34 -13.37
CA VAL A 47 4.04 -20.13 -13.33
C VAL A 47 2.60 -20.54 -12.99
N TRP A 48 2.09 -21.57 -13.65
CA TRP A 48 0.73 -22.00 -13.41
C TRP A 48 0.57 -22.36 -11.95
N ASP A 49 1.53 -23.10 -11.44
CA ASP A 49 1.53 -23.56 -10.07
C ASP A 49 1.39 -22.43 -9.08
N ALA A 50 1.98 -21.29 -9.36
CA ALA A 50 1.91 -20.15 -8.45
C ALA A 50 0.56 -19.43 -8.63
N PHE A 51 0.05 -19.50 -9.84
CA PHE A 51 -1.25 -18.90 -10.13
C PHE A 51 -2.33 -19.70 -9.35
N LYS A 52 -2.42 -21.01 -9.55
CA LYS A 52 -3.30 -21.89 -8.77
C LYS A 52 -3.16 -21.66 -7.27
N GLY A 53 -1.94 -21.75 -6.78
CA GLY A 53 -1.69 -21.65 -5.33
C GLY A 53 -2.08 -20.30 -4.72
N ALA A 54 -2.36 -19.31 -5.57
CA ALA A 54 -2.90 -18.05 -5.04
C ALA A 54 -4.36 -18.11 -4.57
N PHE A 55 -5.17 -18.95 -5.20
CA PHE A 55 -6.61 -18.90 -4.89
C PHE A 55 -7.19 -20.29 -4.57
N ILE A 56 -6.49 -21.33 -4.98
CA ILE A 56 -7.04 -22.67 -4.80
C ILE A 56 -7.19 -23.01 -3.34
N SER A 57 -8.32 -23.60 -2.95
CA SER A 57 -8.48 -24.07 -1.53
C SER A 57 -8.50 -22.88 -0.58
N LYS A 58 -8.70 -21.66 -1.11
CA LYS A 58 -8.74 -20.44 -0.29
C LYS A 58 -10.13 -19.84 -0.41
N HIS A 59 -10.51 -19.04 0.60
CA HIS A 59 -11.87 -18.43 0.59
C HIS A 59 -11.95 -17.31 -0.40
N PRO A 60 -12.87 -17.40 -1.38
CA PRO A 60 -12.78 -16.36 -2.42
C PRO A 60 -13.16 -14.94 -2.04
N CYS A 61 -13.40 -14.70 -0.74
CA CYS A 61 -13.57 -13.32 -0.27
C CYS A 61 -12.43 -12.90 0.66
N ASP A 62 -11.42 -13.73 0.75
CA ASP A 62 -10.36 -13.53 1.70
C ASP A 62 -9.02 -13.53 0.98
N ILE A 63 -8.99 -13.18 -0.30
CA ILE A 63 -7.74 -13.20 -1.08
C ILE A 63 -6.87 -11.97 -0.78
N THR A 64 -5.54 -12.13 -0.75
CA THR A 64 -4.64 -11.02 -0.44
C THR A 64 -3.60 -10.77 -1.52
N GLU A 65 -3.00 -9.60 -1.48
CA GLU A 65 -1.94 -9.25 -2.43
C GLU A 65 -0.79 -10.25 -2.28
N GLU A 66 -0.50 -10.60 -1.04
CA GLU A 66 0.57 -11.56 -0.78
C GLU A 66 0.29 -12.90 -1.44
N ASP A 67 -0.97 -13.26 -1.51
CA ASP A 67 -1.37 -14.51 -2.13
C ASP A 67 -0.77 -14.60 -3.53
N TYR A 68 -0.68 -13.47 -4.19
CA TYR A 68 -0.20 -13.42 -5.57
C TYR A 68 1.29 -13.13 -5.70
N GLN A 69 2.01 -13.04 -4.58
CA GLN A 69 3.42 -12.65 -4.61
C GLN A 69 4.34 -13.67 -5.28
N PRO A 70 4.12 -14.98 -5.04
CA PRO A 70 4.84 -15.98 -5.80
C PRO A 70 4.72 -15.79 -7.29
N LEU A 71 3.48 -15.68 -7.79
CA LEU A 71 3.19 -15.39 -9.19
C LEU A 71 3.93 -14.16 -9.68
N MET A 72 3.87 -13.08 -8.91
CA MET A 72 4.42 -11.80 -9.31
C MET A 72 5.92 -11.92 -9.52
N LYS A 73 6.58 -12.73 -8.68
CA LYS A 73 8.03 -12.92 -8.81
C LYS A 73 8.35 -13.73 -10.07
N LEU A 74 7.66 -14.83 -10.28
CA LEU A 74 7.94 -15.66 -11.46
C LEU A 74 7.65 -14.85 -12.76
N GLY A 75 6.72 -13.94 -12.64
CA GLY A 75 6.29 -13.14 -13.80
C GLY A 75 7.02 -11.81 -13.96
N THR A 76 8.03 -11.55 -13.11
CA THR A 76 8.80 -10.29 -13.16
C THR A 76 9.12 -10.00 -14.61
N GLN A 77 8.92 -8.76 -15.05
CA GLN A 77 9.21 -8.40 -16.42
C GLN A 77 9.68 -6.95 -16.52
N THR A 78 10.72 -6.71 -17.29
CA THR A 78 11.09 -5.34 -17.60
C THR A 78 10.36 -4.94 -18.89
N VAL A 79 9.66 -3.80 -18.87
CA VAL A 79 9.09 -3.25 -20.10
C VAL A 79 9.61 -1.82 -20.26
N PRO A 80 9.68 -1.31 -21.50
CA PRO A 80 10.27 0.04 -21.69
C PRO A 80 9.46 1.05 -20.89
N CYS A 81 10.08 1.70 -19.92
CA CYS A 81 9.28 2.46 -18.89
C CYS A 81 8.61 3.69 -19.46
N ASN A 82 9.22 4.23 -20.53
CA ASN A 82 8.72 5.42 -21.24
C ASN A 82 7.74 5.13 -22.34
N LYS A 83 7.35 3.88 -22.51
CA LYS A 83 6.46 3.51 -23.61
C LYS A 83 5.14 2.90 -23.14
N ILE A 84 4.70 3.35 -21.96
CA ILE A 84 3.55 2.76 -21.34
C ILE A 84 2.21 3.37 -21.74
N LEU A 85 1.20 2.55 -22.02
CA LEU A 85 -0.09 3.13 -22.37
C LEU A 85 -1.07 2.61 -21.34
N LEU A 86 -1.61 3.53 -20.54
CA LEU A 86 -2.67 3.09 -19.63
C LEU A 86 -3.97 3.34 -20.37
N TRP A 87 -5.07 2.81 -19.86
CA TRP A 87 -6.37 3.12 -20.57
C TRP A 87 -7.50 2.91 -19.55
N SER A 88 -8.64 3.54 -19.78
CA SER A 88 -9.75 3.32 -18.90
C SER A 88 -11.03 3.30 -19.76
N ARG A 89 -11.68 2.14 -19.80
CA ARG A 89 -13.01 1.97 -20.36
C ARG A 89 -13.02 2.08 -21.84
N ILE A 90 -11.84 1.83 -22.43
CA ILE A 90 -11.69 1.88 -23.87
C ILE A 90 -10.70 0.77 -24.25
N LYS A 91 -11.03 -0.45 -23.84
CA LYS A 91 -10.07 -1.54 -23.93
C LYS A 91 -9.73 -1.90 -25.37
N ASP A 92 -10.75 -1.94 -26.21
CA ASP A 92 -10.62 -2.45 -27.55
C ASP A 92 -9.69 -1.62 -28.43
N LEU A 93 -9.83 -0.30 -28.36
CA LEU A 93 -9.01 0.59 -29.17
C LEU A 93 -7.57 0.65 -28.67
N ALA A 94 -7.40 0.57 -27.34
CA ALA A 94 -6.07 0.65 -26.79
C ALA A 94 -5.23 -0.53 -27.26
N HIS A 95 -5.81 -1.74 -27.20
CA HIS A 95 -5.13 -2.97 -27.68
C HIS A 95 -5.02 -3.11 -29.22
N GLN A 96 -6.03 -2.65 -29.94
CA GLN A 96 -5.87 -2.51 -31.38
C GLN A 96 -4.64 -1.64 -31.68
N PHE A 97 -4.52 -0.55 -30.95
CA PHE A 97 -3.39 0.41 -31.05
C PHE A 97 -2.03 -0.24 -30.78
N THR A 98 -1.85 -0.82 -29.61
CA THR A 98 -0.58 -1.46 -29.29
C THR A 98 -0.29 -2.67 -30.21
N GLN A 99 -1.32 -3.16 -30.89
CA GLN A 99 -1.18 -4.27 -31.82
C GLN A 99 -0.41 -3.85 -33.04
N VAL A 100 -0.66 -2.63 -33.48
CA VAL A 100 -0.08 -2.06 -34.66
C VAL A 100 1.22 -1.34 -34.32
N GLN A 101 1.21 -0.45 -33.32
CA GLN A 101 2.47 0.22 -32.92
C GLN A 101 3.49 -0.84 -32.50
N ARG A 102 3.12 -1.57 -31.46
CA ARG A 102 4.01 -2.51 -30.79
C ARG A 102 5.11 -1.74 -30.12
N ASP A 103 5.13 -0.45 -30.45
CA ASP A 103 6.00 0.55 -29.88
C ASP A 103 5.63 0.81 -28.40
N MET A 104 4.34 0.65 -28.11
CA MET A 104 3.85 0.95 -26.78
C MET A 104 3.13 -0.26 -26.19
N PHE A 105 3.05 -0.29 -24.86
CA PHE A 105 2.68 -1.48 -24.09
C PHE A 105 1.56 -1.19 -23.10
N THR A 106 0.39 -1.85 -23.21
CA THR A 106 -0.61 -1.86 -22.11
C THR A 106 -0.27 -2.98 -21.12
N LEU A 107 -0.96 -3.01 -19.98
CA LEU A 107 -0.69 -4.10 -19.01
C LEU A 107 -0.97 -5.46 -19.62
N GLU A 108 -1.97 -5.52 -20.49
CA GLU A 108 -2.33 -6.75 -21.16
C GLU A 108 -1.24 -7.24 -22.11
N ASP A 109 -0.21 -6.44 -22.35
CA ASP A 109 0.89 -6.83 -23.21
C ASP A 109 2.03 -7.45 -22.38
N THR A 110 1.88 -7.54 -21.06
CA THR A 110 2.93 -8.11 -20.20
C THR A 110 2.57 -9.58 -19.95
N LEU A 111 3.49 -10.39 -19.40
CA LEU A 111 3.21 -11.84 -19.25
C LEU A 111 1.95 -11.96 -18.41
N LEU A 112 2.02 -11.44 -17.18
CA LEU A 112 0.90 -11.42 -16.24
C LEU A 112 -0.42 -10.88 -16.81
N GLY A 113 -0.42 -9.74 -17.44
CA GLY A 113 -1.64 -9.22 -18.04
C GLY A 113 -2.19 -10.13 -19.11
N TYR A 114 -1.28 -10.72 -19.89
CA TYR A 114 -1.66 -11.58 -21.01
C TYR A 114 -2.30 -12.89 -20.50
N LEU A 115 -1.65 -13.48 -19.50
CA LEU A 115 -2.22 -14.70 -18.88
C LEU A 115 -3.67 -14.51 -18.41
N ALA A 116 -4.02 -13.28 -17.93
CA ALA A 116 -5.28 -13.13 -17.19
C ALA A 116 -6.36 -12.39 -18.02
N ASP A 117 -5.94 -11.63 -19.05
CA ASP A 117 -6.90 -10.83 -19.81
C ASP A 117 -8.19 -11.60 -20.13
N ASP A 118 -9.31 -11.08 -19.61
CA ASP A 118 -10.69 -11.53 -20.01
C ASP A 118 -11.18 -12.83 -19.36
N LEU A 119 -10.45 -13.31 -18.36
CA LEU A 119 -10.66 -14.62 -17.72
C LEU A 119 -11.24 -14.40 -16.34
N THR A 120 -11.96 -15.38 -15.85
CA THR A 120 -12.55 -15.32 -14.50
C THR A 120 -12.12 -16.57 -13.79
N TRP A 121 -11.81 -16.45 -12.50
CA TRP A 121 -11.35 -17.55 -11.73
C TRP A 121 -11.63 -17.47 -10.21
N CYS A 122 -11.95 -18.64 -9.59
CA CYS A 122 -12.06 -18.73 -8.14
C CYS A 122 -12.13 -20.15 -7.65
N GLY A 123 -11.78 -20.38 -6.39
CA GLY A 123 -11.90 -21.68 -5.80
C GLY A 123 -12.93 -21.67 -4.69
N GLU A 124 -12.65 -22.49 -3.68
CA GLU A 124 -13.56 -22.74 -2.60
C GLU A 124 -12.68 -22.98 -1.41
N PHE A 125 -13.18 -22.69 -0.23
CA PHE A 125 -12.43 -22.99 0.97
C PHE A 125 -12.61 -24.49 1.34
N ASP A 126 -11.57 -25.12 1.87
CA ASP A 126 -11.64 -26.55 2.27
C ASP A 126 -11.65 -27.60 1.16
N THR A 127 -11.64 -27.11 -0.08
CA THR A 127 -11.59 -27.96 -1.25
C THR A 127 -10.70 -27.34 -2.31
N SER A 128 -10.18 -28.21 -3.18
CA SER A 128 -9.23 -27.83 -4.18
C SER A 128 -9.88 -27.64 -5.53
N LYS A 129 -11.19 -27.77 -5.61
CA LYS A 129 -11.86 -27.63 -6.89
C LYS A 129 -11.93 -26.18 -7.35
N ILE A 130 -11.76 -25.93 -8.63
CA ILE A 130 -12.09 -24.62 -9.21
C ILE A 130 -13.62 -24.51 -9.31
N ASN A 131 -14.13 -23.30 -9.11
CA ASN A 131 -15.56 -23.07 -9.17
C ASN A 131 -16.02 -22.59 -10.57
N TYR A 132 -16.48 -23.54 -11.37
CA TYR A 132 -16.99 -23.25 -12.72
C TYR A 132 -18.45 -22.92 -12.71
N GLN A 133 -18.99 -22.68 -11.52
CA GLN A 133 -20.38 -22.35 -11.37
C GLN A 133 -20.61 -20.83 -11.23
N SER A 134 -20.00 -20.23 -10.22
CA SER A 134 -20.16 -18.79 -9.94
C SER A 134 -18.96 -18.28 -9.17
N CYS A 135 -18.66 -16.99 -9.29
CA CYS A 135 -17.59 -16.36 -8.50
C CYS A 135 -18.07 -15.05 -7.91
N PRO A 136 -17.38 -14.56 -6.84
CA PRO A 136 -17.75 -13.36 -6.15
C PRO A 136 -17.81 -12.13 -7.06
N ASP A 137 -18.92 -11.42 -7.05
CA ASP A 137 -19.01 -10.19 -7.77
C ASP A 137 -18.40 -9.12 -6.85
N TRP A 138 -17.58 -8.28 -7.44
CA TRP A 138 -16.85 -7.26 -6.71
C TRP A 138 -17.80 -6.43 -5.84
N ARG A 139 -18.95 -6.10 -6.41
CA ARG A 139 -19.91 -5.21 -5.81
C ARG A 139 -20.97 -5.92 -4.96
N LYS A 140 -21.59 -6.97 -5.48
CA LYS A 140 -22.61 -7.70 -4.75
C LYS A 140 -22.05 -8.70 -3.73
N ASP A 141 -20.77 -9.06 -3.79
CA ASP A 141 -20.31 -10.13 -2.88
C ASP A 141 -19.20 -9.68 -1.97
N CYS A 142 -18.03 -9.36 -2.55
CA CYS A 142 -16.86 -8.87 -1.78
C CYS A 142 -15.80 -8.41 -2.76
N SER A 143 -15.03 -7.43 -2.36
CA SER A 143 -13.97 -6.84 -3.20
C SER A 143 -12.66 -7.60 -3.23
N ASN A 144 -12.43 -8.40 -2.19
CA ASN A 144 -11.21 -9.13 -2.06
C ASN A 144 -11.36 -10.48 -2.73
N ASN A 145 -11.68 -10.51 -4.01
CA ASN A 145 -11.88 -11.83 -4.62
C ASN A 145 -10.68 -12.10 -5.58
N PRO A 146 -10.43 -13.35 -5.98
CA PRO A 146 -9.18 -13.72 -6.71
C PRO A 146 -8.89 -12.78 -7.90
N VAL A 147 -9.92 -12.48 -8.67
CA VAL A 147 -9.77 -11.69 -9.86
C VAL A 147 -9.51 -10.24 -9.49
N SER A 148 -10.37 -9.62 -8.70
CA SER A 148 -10.19 -8.20 -8.33
C SER A 148 -8.84 -8.01 -7.65
N VAL A 149 -8.37 -8.98 -6.80
CA VAL A 149 -7.13 -8.72 -6.11
C VAL A 149 -5.95 -8.85 -7.08
N PHE A 150 -6.07 -9.75 -8.04
CA PHE A 150 -5.00 -9.89 -9.05
C PHE A 150 -4.76 -8.58 -9.76
N TRP A 151 -5.82 -8.01 -10.34
CA TRP A 151 -5.68 -6.78 -11.14
C TRP A 151 -5.18 -5.63 -10.36
N LYS A 152 -5.67 -5.47 -9.15
CA LYS A 152 -5.26 -4.36 -8.33
C LYS A 152 -3.72 -4.47 -8.08
N THR A 153 -3.20 -5.67 -7.90
CA THR A 153 -1.80 -5.86 -7.59
C THR A 153 -0.88 -5.65 -8.79
N VAL A 154 -1.17 -6.31 -9.90
CA VAL A 154 -0.45 -6.10 -11.15
C VAL A 154 -0.59 -4.68 -11.67
N SER A 155 -1.73 -4.03 -11.44
CA SER A 155 -1.95 -2.69 -11.94
C SER A 155 -1.10 -1.68 -11.17
N ARG A 156 -0.95 -1.90 -9.88
CA ARG A 156 -0.12 -1.05 -9.05
C ARG A 156 1.34 -1.15 -9.50
N ARG A 157 1.82 -2.37 -9.73
CA ARG A 157 3.21 -2.53 -10.14
C ARG A 157 3.46 -1.90 -11.52
N PHE A 158 2.60 -2.19 -12.49
CA PHE A 158 2.67 -1.52 -13.76
C PHE A 158 2.87 -0.02 -13.68
N ALA A 159 1.99 0.68 -12.96
CA ALA A 159 2.09 2.13 -12.86
C ALA A 159 3.40 2.50 -12.17
N GLU A 160 3.85 1.65 -11.26
CA GLU A 160 5.14 1.85 -10.54
C GLU A 160 6.34 1.78 -11.46
N ALA A 161 6.20 0.97 -12.50
CA ALA A 161 7.27 0.75 -13.45
C ALA A 161 7.43 1.85 -14.45
N ALA A 162 6.39 2.70 -14.61
CA ALA A 162 6.41 3.76 -15.67
C ALA A 162 7.37 4.94 -15.41
N CYS A 163 7.75 5.67 -16.47
CA CYS A 163 8.65 6.78 -16.39
C CYS A 163 8.36 7.78 -17.54
N ASP A 164 8.97 8.92 -17.43
CA ASP A 164 9.04 9.94 -18.47
C ASP A 164 7.63 10.36 -18.86
N VAL A 165 7.23 10.13 -20.08
CA VAL A 165 5.83 10.48 -20.45
C VAL A 165 4.94 9.22 -20.53
N VAL A 166 3.95 9.14 -19.65
CA VAL A 166 3.00 8.07 -19.63
C VAL A 166 1.70 8.52 -20.35
N HIS A 167 1.18 7.67 -21.22
CA HIS A 167 -0.06 8.02 -21.96
C HIS A 167 -1.26 7.26 -21.39
N VAL A 168 -2.46 7.84 -21.46
CA VAL A 168 -3.71 7.17 -21.10
C VAL A 168 -4.81 7.41 -22.12
N MET A 169 -5.39 6.34 -22.69
CA MET A 169 -6.59 6.50 -23.53
C MET A 169 -7.86 6.55 -22.71
N LEU A 170 -8.73 7.48 -23.07
CA LEU A 170 -10.01 7.60 -22.40
C LEU A 170 -11.17 7.64 -23.40
N ASP A 171 -12.34 7.20 -22.95
CA ASP A 171 -13.52 7.09 -23.83
C ASP A 171 -14.27 8.39 -23.78
N GLY A 172 -14.00 9.24 -24.78
CA GLY A 172 -14.71 10.51 -24.97
C GLY A 172 -16.20 10.51 -24.88
N SER A 173 -16.80 9.34 -25.02
CA SER A 173 -18.26 9.25 -24.88
C SER A 173 -18.69 8.65 -23.52
N ARG A 174 -17.76 8.10 -22.72
CA ARG A 174 -18.10 7.62 -21.37
C ARG A 174 -18.93 8.69 -20.61
N SER A 175 -19.77 8.22 -19.69
CA SER A 175 -20.58 9.09 -18.84
C SER A 175 -19.66 10.12 -18.16
N LYS A 176 -18.74 9.63 -17.32
CA LYS A 176 -17.62 10.42 -16.92
C LYS A 176 -16.42 9.94 -17.74
N ILE A 177 -15.83 10.84 -18.52
CA ILE A 177 -14.63 10.49 -19.26
C ILE A 177 -13.52 9.91 -18.35
N PHE A 178 -13.26 10.58 -17.23
CA PHE A 178 -12.36 10.07 -16.22
C PHE A 178 -13.16 9.76 -14.95
N ASP A 179 -12.95 8.57 -14.42
CA ASP A 179 -13.70 8.09 -13.29
C ASP A 179 -12.73 7.80 -12.16
N LYS A 180 -12.79 8.58 -11.10
CA LYS A 180 -11.95 8.34 -9.93
C LYS A 180 -12.03 6.88 -9.42
N ASP A 181 -13.16 6.22 -9.62
CA ASP A 181 -13.37 4.92 -9.03
C ASP A 181 -12.87 3.72 -9.89
N SER A 182 -12.48 3.96 -11.14
CA SER A 182 -11.93 2.89 -11.99
C SER A 182 -10.54 2.47 -11.45
N THR A 183 -10.01 1.31 -11.88
CA THR A 183 -8.63 0.92 -11.57
C THR A 183 -7.64 1.94 -12.04
N PHE A 184 -7.89 2.57 -13.21
CA PHE A 184 -6.96 3.59 -13.63
C PHE A 184 -6.97 4.74 -12.63
N GLY A 185 -8.17 5.09 -12.18
CA GLY A 185 -8.37 6.30 -11.44
C GLY A 185 -8.03 6.13 -9.97
N SER A 186 -8.13 4.92 -9.47
CA SER A 186 -8.00 4.72 -8.06
C SER A 186 -6.68 4.05 -7.72
N VAL A 187 -6.08 3.40 -8.70
CA VAL A 187 -4.92 2.60 -8.44
C VAL A 187 -3.78 3.13 -9.24
N GLU A 188 -3.98 3.25 -10.56
CA GLU A 188 -2.86 3.65 -11.36
C GLU A 188 -2.41 5.09 -11.21
N VAL A 189 -3.34 6.04 -11.29
CA VAL A 189 -2.96 7.45 -11.10
C VAL A 189 -2.19 7.66 -9.78
N HIS A 190 -2.40 6.79 -8.79
CA HIS A 190 -1.86 7.03 -7.49
C HIS A 190 -0.56 6.27 -7.23
N ASN A 191 -0.12 5.50 -8.22
CA ASN A 191 1.11 4.75 -8.08
C ASN A 191 2.14 5.09 -9.14
N LEU A 192 1.84 6.06 -10.01
CA LEU A 192 2.87 6.69 -10.82
C LEU A 192 3.84 7.39 -9.89
N GLN A 193 5.13 7.28 -10.20
CA GLN A 193 6.18 7.78 -9.27
C GLN A 193 6.61 9.15 -9.75
N PRO A 194 6.37 10.17 -8.93
CA PRO A 194 6.65 11.57 -9.39
C PRO A 194 8.15 11.80 -9.64
N GLU A 195 8.99 10.99 -8.98
CA GLU A 195 10.46 11.01 -9.22
C GLU A 195 10.83 10.60 -10.65
N LYS A 196 10.04 9.70 -11.24
CA LYS A 196 10.34 9.16 -12.56
C LYS A 196 9.40 9.67 -13.64
N VAL A 197 8.16 10.01 -13.31
CA VAL A 197 7.18 10.40 -14.38
C VAL A 197 7.14 11.89 -14.60
N GLN A 198 7.52 12.32 -15.78
CA GLN A 198 7.47 13.71 -16.11
C GLN A 198 6.06 14.18 -16.39
N THR A 199 5.31 13.45 -17.21
CA THR A 199 3.99 13.95 -17.67
C THR A 199 3.08 12.76 -17.82
N LEU A 200 1.82 12.93 -17.43
CA LEU A 200 0.75 12.04 -17.88
C LEU A 200 0.00 12.71 -19.05
N GLU A 201 -0.01 12.06 -20.22
CA GLU A 201 -0.75 12.60 -21.34
C GLU A 201 -2.01 11.76 -21.69
N ALA A 202 -3.18 12.39 -21.64
CA ALA A 202 -4.45 11.79 -21.95
C ALA A 202 -4.85 12.01 -23.39
N TRP A 203 -5.26 10.89 -24.01
CA TRP A 203 -5.88 10.92 -25.32
C TRP A 203 -7.31 10.60 -25.13
N VAL A 204 -8.13 11.62 -25.29
CA VAL A 204 -9.56 11.47 -25.23
C VAL A 204 -10.17 11.13 -26.57
N ILE A 205 -10.65 9.90 -26.68
CA ILE A 205 -11.19 9.38 -27.94
C ILE A 205 -12.61 9.81 -28.15
N HIS A 206 -12.90 10.56 -29.23
CA HIS A 206 -14.28 10.96 -29.50
C HIS A 206 -15.04 9.78 -30.06
N GLY A 207 -16.34 9.73 -29.78
CA GLY A 207 -17.15 8.62 -30.27
C GLY A 207 -18.16 9.04 -31.30
N GLY A 208 -18.70 10.25 -31.15
CA GLY A 208 -19.86 10.65 -31.95
C GLY A 208 -19.47 10.82 -33.41
N ARG A 209 -20.30 11.48 -34.20
CA ARG A 209 -19.98 11.53 -35.62
C ARG A 209 -18.92 12.61 -35.92
N GLU A 210 -17.77 12.19 -36.44
CA GLU A 210 -16.56 13.05 -36.60
C GLU A 210 -16.18 14.01 -35.41
N ASP A 211 -15.77 15.22 -35.77
CA ASP A 211 -15.29 16.24 -34.81
C ASP A 211 -16.24 16.49 -33.59
N SER A 212 -15.83 17.39 -32.67
CA SER A 212 -16.73 17.92 -31.60
C SER A 212 -16.16 19.09 -30.72
N ARG A 213 -16.62 19.09 -29.47
CA ARG A 213 -16.05 19.86 -28.40
C ARG A 213 -14.58 19.63 -28.17
N ASP A 214 -14.02 20.50 -27.33
CA ASP A 214 -12.74 20.27 -26.76
C ASP A 214 -12.98 19.53 -25.44
N LEU A 215 -13.04 18.21 -25.53
CA LEU A 215 -13.28 17.34 -24.36
C LEU A 215 -12.18 17.43 -23.33
N CYS A 216 -11.09 18.11 -23.65
CA CYS A 216 -10.02 18.26 -22.63
C CYS A 216 -10.45 19.40 -21.67
N GLN A 217 -11.60 19.98 -21.93
CA GLN A 217 -12.13 20.96 -21.00
C GLN A 217 -13.17 20.23 -20.13
N ASP A 218 -13.44 18.94 -20.38
CA ASP A 218 -14.46 18.25 -19.62
C ASP A 218 -14.11 18.37 -18.15
N PRO A 219 -15.12 18.48 -17.26
CA PRO A 219 -14.87 18.67 -15.83
C PRO A 219 -14.19 17.51 -15.20
N THR A 220 -14.50 16.27 -15.59
CA THR A 220 -13.74 15.14 -15.02
C THR A 220 -12.30 15.12 -15.46
N ILE A 221 -12.04 15.71 -16.62
CA ILE A 221 -10.67 15.75 -17.12
C ILE A 221 -9.91 16.80 -16.34
N LYS A 222 -10.58 17.94 -16.10
CA LYS A 222 -10.04 18.96 -15.21
C LYS A 222 -9.77 18.35 -13.84
N GLU A 223 -10.58 17.38 -13.46
CA GLU A 223 -10.43 16.77 -12.14
C GLU A 223 -9.13 15.94 -12.13
N LEU A 224 -8.98 15.03 -13.10
CA LEU A 224 -7.75 14.30 -13.34
C LEU A 224 -6.51 15.20 -13.36
N GLU A 225 -6.62 16.32 -14.07
CA GLU A 225 -5.55 17.25 -14.17
C GLU A 225 -5.12 17.82 -12.78
N SER A 226 -6.08 18.34 -12.02
CA SER A 226 -5.79 18.81 -10.66
C SER A 226 -5.14 17.73 -9.78
N ILE A 227 -5.70 16.53 -9.80
CA ILE A 227 -5.06 15.40 -9.08
C ILE A 227 -3.59 15.17 -9.42
N ILE A 228 -3.33 15.12 -10.72
CA ILE A 228 -2.00 14.70 -11.20
C ILE A 228 -1.01 15.83 -10.98
N SER A 229 -1.43 17.06 -11.28
CA SER A 229 -0.61 18.23 -10.98
C SER A 229 -0.20 18.34 -9.49
N LYS A 230 -1.12 18.04 -8.58
CA LYS A 230 -0.77 18.06 -7.15
C LYS A 230 0.09 16.87 -6.68
N ARG A 231 0.27 15.90 -7.55
CA ARG A 231 1.25 14.87 -7.25
C ARG A 231 2.65 15.32 -7.78
N ASN A 232 2.73 16.53 -8.32
CA ASN A 232 3.93 17.07 -8.94
C ASN A 232 4.30 16.36 -10.23
N ILE A 233 3.28 16.05 -11.02
CA ILE A 233 3.42 15.47 -12.35
C ILE A 233 2.70 16.40 -13.34
N GLN A 234 3.28 16.67 -14.50
CA GLN A 234 2.58 17.51 -15.46
C GLN A 234 1.40 16.83 -16.13
N PHE A 235 0.35 17.56 -16.46
CA PHE A 235 -0.73 16.95 -17.17
C PHE A 235 -0.89 17.54 -18.55
N SER A 236 -1.07 16.68 -19.54
CA SER A 236 -1.44 17.22 -20.85
C SER A 236 -2.60 16.41 -21.44
N CYS A 237 -3.30 16.98 -22.40
CA CYS A 237 -4.44 16.34 -22.99
C CYS A 237 -4.54 16.58 -24.54
N LYS A 238 -5.03 15.60 -25.28
CA LYS A 238 -5.37 15.81 -26.71
C LYS A 238 -6.62 15.07 -26.98
N ASN A 239 -7.44 15.70 -27.79
CA ASN A 239 -8.63 15.12 -28.36
C ASN A 239 -8.24 14.22 -29.50
N ILE A 240 -9.00 13.17 -29.74
CA ILE A 240 -8.85 12.48 -31.01
C ILE A 240 -10.22 12.50 -31.52
N TYR A 241 -10.44 13.53 -32.33
CA TYR A 241 -11.78 13.87 -32.85
C TYR A 241 -12.32 12.82 -33.79
N ARG A 242 -11.43 12.20 -34.56
CA ARG A 242 -11.81 11.21 -35.56
C ARG A 242 -11.05 9.92 -35.34
N PRO A 243 -11.62 9.00 -34.57
CA PRO A 243 -10.95 7.73 -34.23
C PRO A 243 -10.38 6.92 -35.42
N ASP A 244 -11.12 6.83 -36.51
CA ASP A 244 -10.61 5.97 -37.58
C ASP A 244 -9.61 6.65 -38.51
N LYS A 245 -9.56 7.99 -38.55
CA LYS A 245 -8.41 8.59 -39.17
C LYS A 245 -7.16 8.28 -38.32
N PHE A 246 -7.34 8.34 -37.00
CA PHE A 246 -6.29 7.95 -36.07
C PHE A 246 -5.81 6.53 -36.40
N LEU A 247 -6.73 5.59 -36.53
CA LEU A 247 -6.29 4.22 -36.86
C LEU A 247 -5.77 4.11 -38.30
N GLN A 248 -6.26 4.96 -39.19
CA GLN A 248 -5.74 4.98 -40.58
C GLN A 248 -4.27 5.38 -40.50
N CYS A 249 -4.01 6.46 -39.79
CA CYS A 249 -2.67 6.99 -39.63
C CYS A 249 -1.76 6.08 -38.78
N VAL A 250 -2.31 5.42 -37.78
CA VAL A 250 -1.45 4.57 -36.94
C VAL A 250 -1.02 3.37 -37.79
N LYS A 251 -1.97 2.78 -38.50
CA LYS A 251 -1.69 1.69 -39.44
C LYS A 251 -0.68 2.05 -40.51
N ASN A 252 -0.94 3.13 -41.25
CA ASN A 252 -0.10 3.49 -42.37
C ASN A 252 0.52 4.87 -42.14
N PRO A 253 1.48 4.94 -41.21
CA PRO A 253 1.97 6.19 -40.61
C PRO A 253 2.55 7.14 -41.63
N GLU A 254 2.74 6.67 -42.84
CA GLU A 254 3.19 7.60 -43.84
C GLU A 254 2.40 7.60 -45.10
N ASP A 255 1.07 7.51 -45.01
CA ASP A 255 0.29 8.13 -46.09
C ASP A 255 0.22 9.59 -45.74
N SER A 256 0.50 10.43 -46.72
CA SER A 256 0.67 11.82 -46.47
C SER A 256 -0.65 12.54 -46.20
N SER A 257 -1.71 11.80 -45.90
CA SER A 257 -2.93 12.42 -45.37
C SER A 257 -2.73 12.53 -43.86
N CYS A 258 -1.62 11.93 -43.41
CA CYS A 258 -1.28 11.86 -42.00
C CYS A 258 -0.17 12.82 -41.60
N ARG B 7 -26.28 11.79 0.97
CA ARG B 7 -25.74 10.67 0.11
C ARG B 7 -25.25 9.51 0.95
N TRP B 8 -25.40 8.31 0.42
CA TRP B 8 -25.40 7.08 1.17
C TRP B 8 -24.11 6.36 0.97
N ARG B 9 -23.26 6.83 0.07
CA ARG B 9 -21.97 6.16 -0.13
C ARG B 9 -20.80 6.88 0.52
N GLN B 10 -20.03 6.12 1.23
CA GLN B 10 -18.86 6.68 1.79
C GLN B 10 -17.68 6.51 0.78
N THR B 11 -16.72 7.39 0.82
CA THR B 11 -15.58 7.36 -0.09
C THR B 11 -14.60 6.24 0.26
N TRP B 12 -14.38 6.00 1.52
CA TRP B 12 -13.31 5.11 1.92
C TRP B 12 -13.76 3.96 2.80
N SER B 13 -12.88 2.97 2.98
CA SER B 13 -13.21 1.74 3.73
C SER B 13 -12.82 1.82 5.22
N GLY B 14 -11.90 2.69 5.57
CA GLY B 14 -11.38 2.75 6.94
C GLY B 14 -12.22 3.71 7.76
N PRO B 15 -12.08 3.65 9.10
CA PRO B 15 -12.77 4.58 9.99
C PRO B 15 -12.43 6.02 9.57
N GLY B 16 -13.36 6.95 9.77
CA GLY B 16 -13.06 8.38 9.45
C GLY B 16 -12.23 9.05 10.56
N THR B 17 -11.97 10.35 10.45
CA THR B 17 -11.16 11.10 11.42
C THR B 17 -11.84 11.07 12.82
N THR B 18 -11.05 10.79 13.86
CA THR B 18 -11.52 10.84 15.24
C THR B 18 -12.27 12.09 15.54
N LYS B 19 -13.43 11.96 16.19
CA LYS B 19 -14.29 13.18 16.42
C LYS B 19 -13.44 14.17 17.24
N ARG B 20 -13.54 15.46 16.97
CA ARG B 20 -12.79 16.45 17.72
C ARG B 20 -11.29 16.26 17.72
N PHE B 21 -10.77 15.76 16.58
CA PHE B 21 -9.36 15.71 16.25
C PHE B 21 -8.60 17.06 16.41
N PRO B 22 -9.06 18.12 15.76
CA PRO B 22 -8.41 19.41 15.92
C PRO B 22 -8.26 19.75 17.40
N GLU B 23 -9.37 19.78 18.13
CA GLU B 23 -9.33 20.04 19.59
C GLU B 23 -8.44 19.09 20.36
N THR B 24 -8.50 17.81 20.03
CA THR B 24 -7.75 16.75 20.77
C THR B 24 -6.23 16.89 20.59
N VAL B 25 -5.80 17.15 19.34
CA VAL B 25 -4.36 17.21 19.05
C VAL B 25 -3.76 18.46 19.76
N LEU B 26 -4.46 19.59 19.69
CA LEU B 26 -4.00 20.79 20.34
C LEU B 26 -3.93 20.58 21.85
N ALA B 27 -4.98 20.00 22.41
CA ALA B 27 -4.99 19.73 23.84
C ALA B 27 -3.84 18.86 24.27
N ARG B 28 -3.59 17.77 23.51
CA ARG B 28 -2.55 16.79 23.91
C ARG B 28 -1.17 17.44 23.81
N CYS B 29 -1.04 18.48 22.97
CA CYS B 29 0.20 19.16 22.84
C CYS B 29 0.43 20.01 24.08
N VAL B 30 -0.52 20.87 24.42
CA VAL B 30 -0.51 21.59 25.70
C VAL B 30 -0.20 20.65 26.88
N LYS B 31 -0.93 19.55 27.02
CA LYS B 31 -0.62 18.63 28.11
C LYS B 31 0.85 18.16 28.09
N TYR B 32 1.35 17.71 26.93
CA TYR B 32 2.67 17.11 26.87
C TYR B 32 3.75 18.13 27.28
N THR B 33 3.54 19.40 26.88
CA THR B 33 4.50 20.45 27.28
C THR B 33 4.45 20.68 28.78
N GLU B 34 3.38 20.23 29.43
CA GLU B 34 3.22 20.39 30.86
C GLU B 34 3.91 19.27 31.56
N ILE B 35 3.62 18.04 31.15
CA ILE B 35 4.27 16.85 31.70
C ILE B 35 5.78 16.93 31.44
N HIS B 36 6.17 17.58 30.35
CA HIS B 36 7.57 17.59 29.95
C HIS B 36 8.10 19.01 29.70
N PRO B 37 8.64 19.65 30.73
CA PRO B 37 9.24 20.99 30.65
C PRO B 37 10.24 21.20 29.52
N GLU B 38 11.04 20.20 29.21
CA GLU B 38 12.10 20.36 28.19
C GLU B 38 11.56 20.52 26.75
N MET B 39 10.24 20.45 26.58
CA MET B 39 9.56 20.69 25.28
C MET B 39 8.60 21.90 25.29
N ARG B 40 8.59 22.55 26.41
CA ARG B 40 7.84 23.76 26.66
C ARG B 40 8.09 24.87 25.62
N HIS B 41 9.22 24.80 24.92
CA HIS B 41 9.59 25.86 24.00
C HIS B 41 8.66 25.82 22.78
N VAL B 42 7.93 24.70 22.62
CA VAL B 42 7.10 24.48 21.44
C VAL B 42 5.87 25.32 21.49
N ASP B 43 5.45 25.84 20.34
CA ASP B 43 4.20 26.60 20.23
C ASP B 43 3.16 25.58 19.74
N CYS B 44 2.20 25.26 20.59
CA CYS B 44 1.23 24.24 20.24
C CYS B 44 0.33 24.57 19.05
N GLN B 45 0.05 25.86 18.85
CA GLN B 45 -0.80 26.26 17.74
C GLN B 45 -0.05 26.06 16.41
N SER B 46 1.28 26.22 16.45
CA SER B 46 2.06 26.15 15.23
C SER B 46 2.24 24.69 14.88
N VAL B 47 2.33 23.85 15.91
CA VAL B 47 2.38 22.44 15.72
C VAL B 47 1.11 21.93 15.01
N TRP B 48 -0.05 22.26 15.53
CA TRP B 48 -1.28 21.87 14.83
C TRP B 48 -1.35 22.41 13.35
N ASP B 49 -1.04 23.67 13.18
CA ASP B 49 -0.98 24.25 11.84
C ASP B 49 -0.08 23.44 10.92
N ALA B 50 1.13 23.10 11.37
CA ALA B 50 2.01 22.23 10.57
C ALA B 50 1.40 20.83 10.32
N PHE B 51 0.71 20.33 11.32
CA PHE B 51 0.15 18.96 11.32
C PHE B 51 -0.97 19.00 10.23
N LYS B 52 -1.95 19.87 10.43
CA LYS B 52 -3.08 19.95 9.54
C LYS B 52 -2.57 20.29 8.13
N GLY B 53 -1.54 21.12 8.07
CA GLY B 53 -0.97 21.53 6.82
C GLY B 53 -0.46 20.37 6.00
N ALA B 54 -0.06 19.28 6.68
CA ALA B 54 0.48 18.11 6.00
C ALA B 54 -0.54 17.38 5.16
N PHE B 55 -1.79 17.40 5.58
CA PHE B 55 -2.81 16.59 4.88
C PHE B 55 -4.06 17.29 4.37
N ILE B 56 -4.38 18.46 4.90
CA ILE B 56 -5.61 19.15 4.47
C ILE B 56 -5.54 19.53 2.99
N SER B 57 -6.65 19.37 2.26
CA SER B 57 -6.68 19.71 0.84
C SER B 57 -5.90 18.74 -0.09
N LYS B 58 -5.25 17.74 0.46
CA LYS B 58 -4.52 16.77 -0.36
C LYS B 58 -5.36 15.55 -0.53
N HIS B 59 -5.26 14.91 -1.69
CA HIS B 59 -5.91 13.61 -1.89
C HIS B 59 -5.30 12.67 -0.88
N PRO B 60 -6.13 11.90 -0.12
CA PRO B 60 -5.59 11.09 0.97
C PRO B 60 -4.93 9.80 0.52
N CYS B 61 -4.82 9.57 -0.78
CA CYS B 61 -3.88 8.54 -1.26
C CYS B 61 -2.53 9.07 -1.69
N ASP B 62 -2.39 10.39 -1.69
CA ASP B 62 -1.22 11.01 -2.29
C ASP B 62 -0.27 11.70 -1.30
N ILE B 63 -0.36 11.38 -0.01
CA ILE B 63 0.50 12.04 1.01
C ILE B 63 1.94 11.58 0.93
N THR B 64 2.91 12.48 1.21
CA THR B 64 4.30 12.08 1.14
C THR B 64 5.01 12.40 2.49
N GLU B 65 6.15 11.77 2.73
CA GLU B 65 6.96 12.10 3.94
C GLU B 65 7.32 13.60 3.89
N GLU B 66 7.59 14.15 2.71
CA GLU B 66 7.87 15.60 2.59
C GLU B 66 6.71 16.45 3.13
N ASP B 67 5.49 15.93 3.02
CA ASP B 67 4.32 16.62 3.51
C ASP B 67 4.40 16.87 5.04
N TYR B 68 5.04 15.96 5.75
CA TYR B 68 5.13 16.02 7.23
C TYR B 68 6.43 16.66 7.82
N GLN B 69 7.31 17.08 6.95
CA GLN B 69 8.61 17.62 7.39
C GLN B 69 8.45 18.89 8.25
N PRO B 70 7.53 19.78 7.87
CA PRO B 70 7.32 20.97 8.71
C PRO B 70 6.83 20.57 10.12
N LEU B 71 6.05 19.51 10.22
CA LEU B 71 5.70 18.97 11.56
C LEU B 71 6.91 18.27 12.30
N MET B 72 7.64 17.47 11.57
CA MET B 72 8.79 16.81 12.12
C MET B 72 9.77 17.88 12.63
N LYS B 73 9.90 18.99 11.91
CA LYS B 73 10.83 20.05 12.36
C LYS B 73 10.38 20.69 13.69
N LEU B 74 9.12 21.15 13.71
CA LEU B 74 8.50 21.71 14.90
C LEU B 74 8.64 20.76 16.10
N GLY B 75 8.42 19.48 15.82
CA GLY B 75 8.40 18.38 16.78
C GLY B 75 9.79 17.79 17.06
N THR B 76 10.84 18.42 16.53
CA THR B 76 12.23 17.98 16.87
C THR B 76 12.43 17.74 18.37
N GLN B 77 12.97 16.58 18.71
CA GLN B 77 13.13 16.24 20.13
C GLN B 77 14.22 15.23 20.32
N THR B 78 15.04 15.42 21.32
CA THR B 78 16.14 14.49 21.56
C THR B 78 15.81 13.73 22.85
N VAL B 79 15.74 12.41 22.78
CA VAL B 79 15.48 11.60 23.95
C VAL B 79 16.66 10.63 24.05
N PRO B 80 16.99 10.19 25.24
CA PRO B 80 18.27 9.44 25.40
C PRO B 80 18.28 8.30 24.42
N CYS B 81 19.20 8.29 23.47
CA CYS B 81 19.07 7.33 22.37
C CYS B 81 19.37 5.93 22.84
N ASN B 82 19.89 5.79 24.07
CA ASN B 82 20.18 4.49 24.62
C ASN B 82 19.09 3.97 25.56
N LYS B 83 17.94 4.64 25.59
CA LYS B 83 16.80 4.29 26.45
C LYS B 83 15.54 3.99 25.65
N ILE B 84 15.72 3.46 24.45
CA ILE B 84 14.62 3.28 23.54
C ILE B 84 13.97 1.88 23.65
N LEU B 85 12.65 1.88 23.77
CA LEU B 85 11.90 0.61 23.64
C LEU B 85 11.08 0.59 22.35
N LEU B 86 11.36 -0.35 21.44
CA LEU B 86 10.45 -0.55 20.31
C LEU B 86 9.54 -1.68 20.72
N TRP B 87 8.48 -1.87 19.95
CA TRP B 87 7.47 -2.86 20.26
C TRP B 87 6.74 -3.19 18.98
N SER B 88 6.20 -4.39 18.92
CA SER B 88 5.41 -4.74 17.75
C SER B 88 4.14 -5.50 18.17
N ARG B 89 2.98 -4.89 17.96
CA ARG B 89 1.68 -5.49 18.27
C ARG B 89 1.60 -6.04 19.72
N ILE B 90 2.17 -5.28 20.64
CA ILE B 90 2.03 -5.59 22.06
C ILE B 90 2.04 -4.25 22.75
N LYS B 91 1.15 -3.40 22.24
CA LYS B 91 1.15 -1.98 22.55
C LYS B 91 0.85 -1.67 23.99
N ASP B 92 -0.06 -2.42 24.60
CA ASP B 92 -0.51 -2.08 25.93
C ASP B 92 0.57 -2.26 26.96
N LEU B 93 1.32 -3.35 26.87
CA LEU B 93 2.31 -3.64 27.90
C LEU B 93 3.56 -2.77 27.72
N ALA B 94 3.89 -2.47 26.48
CA ALA B 94 5.04 -1.66 26.16
C ALA B 94 4.83 -0.32 26.89
N HIS B 95 3.60 0.16 26.92
CA HIS B 95 3.31 1.45 27.53
C HIS B 95 3.09 1.33 29.01
N GLN B 96 2.54 0.20 29.41
CA GLN B 96 2.43 -0.03 30.84
C GLN B 96 3.87 0.01 31.38
N PHE B 97 4.79 -0.60 30.63
CA PHE B 97 6.20 -0.62 31.01
C PHE B 97 6.81 0.76 31.11
N THR B 98 6.62 1.60 30.13
CA THR B 98 7.32 2.86 30.21
C THR B 98 6.62 3.79 31.20
N GLN B 99 5.38 3.49 31.58
CA GLN B 99 4.73 4.28 32.61
C GLN B 99 5.41 4.10 33.97
N VAL B 100 5.88 2.89 34.20
CA VAL B 100 6.58 2.59 35.44
C VAL B 100 8.05 2.99 35.32
N GLN B 101 8.74 2.33 34.39
CA GLN B 101 10.14 2.54 34.23
C GLN B 101 10.33 3.81 33.43
N ARG B 102 10.26 4.94 34.13
CA ARG B 102 10.08 6.20 33.40
C ARG B 102 11.35 6.50 32.64
N ASP B 103 12.33 5.60 32.79
CA ASP B 103 13.68 5.70 32.20
C ASP B 103 13.64 5.59 30.64
N MET B 104 12.67 4.83 30.16
CA MET B 104 12.65 4.32 28.81
C MET B 104 11.52 4.92 28.00
N PHE B 105 11.73 5.05 26.71
CA PHE B 105 10.80 5.70 25.80
C PHE B 105 10.31 4.80 24.65
N THR B 106 9.02 4.86 24.34
CA THR B 106 8.57 4.28 23.10
C THR B 106 8.31 5.48 22.26
N LEU B 107 8.00 5.26 21.00
CA LEU B 107 7.76 6.37 20.11
C LEU B 107 6.58 7.24 20.62
N GLU B 108 5.59 6.58 21.21
CA GLU B 108 4.41 7.24 21.74
C GLU B 108 4.64 8.09 22.98
N ASP B 109 5.85 8.02 23.54
CA ASP B 109 6.27 8.82 24.66
C ASP B 109 7.00 10.06 24.18
N THR B 110 7.26 10.17 22.87
CA THR B 110 7.73 11.44 22.31
C THR B 110 6.56 12.33 21.96
N LEU B 111 6.82 13.60 21.80
CA LEU B 111 5.74 14.52 21.64
C LEU B 111 4.91 14.11 20.42
N LEU B 112 5.58 13.97 19.28
CA LEU B 112 4.87 13.63 18.04
C LEU B 112 4.12 12.29 18.10
N GLY B 113 4.66 11.25 18.73
CA GLY B 113 3.88 9.98 18.74
C GLY B 113 2.70 10.15 19.70
N TYR B 114 2.94 10.93 20.79
CA TYR B 114 1.94 11.18 21.82
C TYR B 114 0.73 11.95 21.23
N LEU B 115 0.99 12.92 20.40
CA LEU B 115 -0.08 13.65 19.73
C LEU B 115 -1.01 12.68 18.94
N ALA B 116 -0.42 11.72 18.24
CA ALA B 116 -1.11 10.91 17.20
C ALA B 116 -1.70 9.63 17.66
N ASP B 117 -1.21 9.15 18.79
CA ASP B 117 -1.50 7.80 19.27
C ASP B 117 -2.99 7.46 19.27
N ASP B 118 -3.35 6.40 18.55
CA ASP B 118 -4.74 5.91 18.51
C ASP B 118 -5.70 6.86 17.74
N LEU B 119 -5.20 7.81 17.02
CA LEU B 119 -6.08 8.75 16.31
C LEU B 119 -6.10 8.39 14.85
N THR B 120 -7.14 8.88 14.16
CA THR B 120 -7.26 8.63 12.72
C THR B 120 -7.60 9.99 12.12
N TRP B 121 -7.08 10.28 10.93
CA TRP B 121 -7.35 11.56 10.33
C TRP B 121 -7.11 11.51 8.82
N CYS B 122 -7.82 12.37 8.09
CA CYS B 122 -7.64 12.49 6.66
C CYS B 122 -8.41 13.68 6.13
N GLY B 123 -7.99 14.20 5.01
CA GLY B 123 -8.67 15.35 4.35
C GLY B 123 -9.39 14.93 3.10
N GLU B 124 -9.56 15.87 2.19
CA GLU B 124 -10.36 15.63 1.04
C GLU B 124 -9.70 16.37 -0.08
N PHE B 125 -9.67 15.75 -1.23
CA PHE B 125 -9.01 16.38 -2.31
C PHE B 125 -9.48 17.81 -2.59
N ASP B 126 -8.55 18.77 -2.44
CA ASP B 126 -8.79 20.16 -2.91
C ASP B 126 -9.87 20.90 -2.10
N THR B 127 -10.40 20.23 -1.07
CA THR B 127 -11.37 20.81 -0.14
C THR B 127 -10.64 21.08 1.15
N SER B 128 -11.08 22.09 1.90
CA SER B 128 -10.44 22.30 3.21
C SER B 128 -11.03 21.47 4.35
N LYS B 129 -11.91 20.55 4.07
CA LYS B 129 -12.63 19.84 5.11
C LYS B 129 -11.88 18.61 5.59
N ILE B 130 -12.01 18.34 6.88
CA ILE B 130 -11.54 17.09 7.44
C ILE B 130 -12.66 16.06 7.18
N ASN B 131 -12.31 14.79 6.94
CA ASN B 131 -13.34 13.76 6.56
C ASN B 131 -13.58 12.98 7.81
N TYR B 132 -14.70 13.31 8.45
CA TYR B 132 -15.07 12.64 9.68
C TYR B 132 -15.85 11.34 9.44
N GLN B 133 -16.13 11.02 8.17
CA GLN B 133 -16.86 9.79 7.85
C GLN B 133 -16.09 8.49 7.60
N SER B 134 -15.03 8.58 6.82
CA SER B 134 -14.28 7.44 6.39
C SER B 134 -12.91 7.97 5.93
N CYS B 135 -11.89 7.10 6.02
CA CYS B 135 -10.54 7.44 5.60
C CYS B 135 -9.97 6.19 5.01
N PRO B 136 -8.96 6.30 4.15
CA PRO B 136 -8.50 5.13 3.43
C PRO B 136 -7.98 4.09 4.37
N ASP B 137 -8.31 2.86 4.10
CA ASP B 137 -7.80 1.73 4.84
C ASP B 137 -6.57 1.30 4.07
N TRP B 138 -5.50 0.95 4.80
CA TRP B 138 -4.22 0.80 4.16
C TRP B 138 -4.18 -0.31 3.15
N ARG B 139 -4.81 -1.44 3.46
CA ARG B 139 -4.89 -2.52 2.50
C ARG B 139 -5.97 -2.37 1.41
N LYS B 140 -7.17 -1.92 1.78
CA LYS B 140 -8.25 -1.97 0.82
C LYS B 140 -8.24 -0.77 -0.12
N ASP B 141 -7.69 0.35 0.36
CA ASP B 141 -7.73 1.58 -0.41
C ASP B 141 -6.32 1.93 -0.89
N CYS B 142 -5.42 2.26 0.00
CA CYS B 142 -4.10 2.77 -0.42
C CYS B 142 -3.19 3.00 0.76
N SER B 143 -1.91 2.85 0.50
CA SER B 143 -0.92 2.88 1.57
C SER B 143 -0.41 4.27 1.86
N ASN B 144 -0.50 5.18 0.92
CA ASN B 144 0.04 6.52 1.14
C ASN B 144 -1.00 7.46 1.68
N ASN B 145 -1.63 7.07 2.79
CA ASN B 145 -2.65 7.87 3.40
C ASN B 145 -2.07 8.66 4.57
N PRO B 146 -2.81 9.68 5.06
CA PRO B 146 -2.30 10.60 6.11
C PRO B 146 -1.73 9.88 7.35
N VAL B 147 -2.43 8.88 7.84
CA VAL B 147 -2.02 8.17 9.03
C VAL B 147 -0.82 7.22 8.80
N SER B 148 -0.86 6.38 7.79
CA SER B 148 0.24 5.48 7.49
C SER B 148 1.52 6.26 7.19
N VAL B 149 1.38 7.32 6.40
CA VAL B 149 2.57 8.07 6.01
C VAL B 149 3.14 8.74 7.22
N PHE B 150 2.30 9.21 8.13
CA PHE B 150 2.81 9.86 9.34
C PHE B 150 3.63 8.88 10.17
N TRP B 151 3.07 7.70 10.44
CA TRP B 151 3.74 6.76 11.32
C TRP B 151 5.01 6.28 10.70
N LYS B 152 4.98 6.21 9.38
CA LYS B 152 6.15 5.74 8.65
C LYS B 152 7.31 6.71 8.79
N THR B 153 7.04 8.00 8.61
CA THR B 153 8.00 9.04 8.71
C THR B 153 8.55 9.12 10.18
N VAL B 154 7.70 9.06 11.20
CA VAL B 154 8.22 9.28 12.54
C VAL B 154 8.96 8.05 13.07
N SER B 155 8.52 6.87 12.67
CA SER B 155 9.17 5.63 13.05
C SER B 155 10.57 5.54 12.47
N ARG B 156 10.74 6.00 11.23
CA ARG B 156 12.04 6.07 10.60
C ARG B 156 13.00 7.00 11.36
N ARG B 157 12.57 8.21 11.68
CA ARG B 157 13.45 9.11 12.43
C ARG B 157 13.79 8.58 13.83
N PHE B 158 12.82 7.91 14.45
CA PHE B 158 12.99 7.35 15.78
C PHE B 158 13.98 6.23 15.72
N ALA B 159 13.81 5.28 14.80
CA ALA B 159 14.79 4.18 14.66
C ALA B 159 16.18 4.74 14.32
N GLU B 160 16.21 5.77 13.46
CA GLU B 160 17.49 6.31 13.03
C GLU B 160 18.23 6.98 14.18
N ALA B 161 17.50 7.48 15.17
CA ALA B 161 18.14 8.18 16.28
C ALA B 161 18.56 7.22 17.37
N ALA B 162 18.16 5.96 17.32
CA ALA B 162 18.47 5.00 18.37
C ALA B 162 19.96 4.57 18.47
N CYS B 163 20.44 4.24 19.67
CA CYS B 163 21.84 3.89 19.85
C CYS B 163 22.03 2.86 20.97
N ASP B 164 23.22 2.25 21.00
CA ASP B 164 23.61 1.37 22.09
C ASP B 164 22.81 0.04 22.14
N VAL B 165 22.09 -0.21 23.22
CA VAL B 165 21.19 -1.34 23.26
C VAL B 165 19.74 -0.88 23.03
N VAL B 166 19.10 -1.39 22.00
CA VAL B 166 17.74 -1.07 21.74
C VAL B 166 16.95 -2.30 22.13
N HIS B 167 15.88 -2.10 22.88
CA HIS B 167 15.04 -3.26 23.25
C HIS B 167 13.76 -3.23 22.41
N VAL B 168 13.26 -4.41 22.07
CA VAL B 168 12.01 -4.57 21.37
C VAL B 168 11.16 -5.58 22.15
N MET B 169 9.92 -5.17 22.46
CA MET B 169 8.92 -6.03 23.07
C MET B 169 8.04 -6.66 21.95
N LEU B 170 7.84 -7.99 22.01
CA LEU B 170 7.05 -8.71 21.01
C LEU B 170 6.05 -9.69 21.65
N ASP B 171 4.94 -9.92 20.97
CA ASP B 171 3.87 -10.84 21.43
C ASP B 171 4.11 -12.33 21.14
N GLY B 172 4.31 -13.10 22.19
CA GLY B 172 4.61 -14.50 22.06
C GLY B 172 3.44 -15.34 21.60
N SER B 173 2.24 -14.78 21.61
CA SER B 173 1.05 -15.51 21.29
C SER B 173 0.62 -15.23 19.86
N ARG B 174 1.38 -14.40 19.15
CA ARG B 174 1.18 -14.18 17.69
C ARG B 174 1.49 -15.41 16.86
N SER B 175 0.79 -15.50 15.73
CA SER B 175 1.12 -16.39 14.65
C SER B 175 2.49 -15.96 14.12
N LYS B 176 2.65 -14.66 13.94
CA LYS B 176 3.93 -14.14 13.53
C LYS B 176 4.51 -13.33 14.67
N ILE B 177 5.36 -13.92 15.51
CA ILE B 177 5.84 -13.16 16.65
C ILE B 177 6.64 -11.96 16.16
N PHE B 178 7.44 -12.21 15.15
CA PHE B 178 8.01 -11.14 14.40
C PHE B 178 7.40 -11.19 13.02
N ASP B 179 6.72 -10.11 12.66
CA ASP B 179 6.11 -10.01 11.35
C ASP B 179 6.98 -9.07 10.53
N LYS B 180 7.68 -9.68 9.57
CA LYS B 180 8.49 -9.02 8.56
C LYS B 180 7.85 -7.73 8.06
N ASP B 181 6.52 -7.70 8.01
CA ASP B 181 5.75 -6.60 7.39
C ASP B 181 5.16 -5.53 8.32
N SER B 182 5.32 -5.74 9.63
CA SER B 182 4.92 -4.77 10.64
C SER B 182 5.71 -3.48 10.46
N THR B 183 5.18 -2.34 10.90
CA THR B 183 5.97 -1.10 10.94
C THR B 183 7.31 -1.31 11.69
N PHE B 184 7.28 -2.17 12.71
CA PHE B 184 8.53 -2.51 13.41
C PHE B 184 9.47 -3.22 12.45
N GLY B 185 8.90 -4.20 11.72
CA GLY B 185 9.67 -5.05 10.82
C GLY B 185 10.15 -4.39 9.54
N SER B 186 9.36 -3.51 8.93
CA SER B 186 9.71 -3.01 7.61
C SER B 186 10.19 -1.55 7.56
N VAL B 187 10.31 -0.90 8.70
CA VAL B 187 10.68 0.52 8.74
C VAL B 187 11.71 0.75 9.85
N GLU B 188 11.54 0.07 10.96
CA GLU B 188 12.34 0.37 12.11
C GLU B 188 13.59 -0.48 12.16
N VAL B 189 13.42 -1.78 11.95
CA VAL B 189 14.55 -2.65 12.01
C VAL B 189 15.51 -2.25 10.93
N HIS B 190 15.03 -1.90 9.75
CA HIS B 190 15.95 -1.53 8.69
C HIS B 190 16.55 -0.12 8.84
N ASN B 191 16.17 0.64 9.87
CA ASN B 191 16.82 1.96 10.09
C ASN B 191 17.66 2.05 11.34
N LEU B 192 17.81 0.95 12.03
CA LEU B 192 18.79 0.84 13.12
C LEU B 192 20.19 0.80 12.52
N GLN B 193 20.95 1.86 12.81
CA GLN B 193 22.31 2.05 12.28
C GLN B 193 23.41 1.35 13.08
N PRO B 194 24.18 0.47 12.43
CA PRO B 194 25.24 -0.28 13.09
C PRO B 194 26.30 0.59 13.73
N GLU B 195 26.54 1.78 13.17
CA GLU B 195 27.49 2.75 13.77
C GLU B 195 26.97 3.21 15.16
N LYS B 196 25.65 3.21 15.38
CA LYS B 196 25.10 3.73 16.65
C LYS B 196 24.52 2.63 17.54
N VAL B 197 23.90 1.65 16.90
CA VAL B 197 23.29 0.53 17.63
C VAL B 197 24.26 -0.63 17.74
N GLN B 198 24.44 -1.12 18.95
CA GLN B 198 25.38 -2.18 19.08
C GLN B 198 24.71 -3.48 19.39
N THR B 199 23.51 -3.41 19.98
CA THR B 199 22.72 -4.64 20.29
C THR B 199 21.25 -4.39 20.11
N LEU B 200 20.51 -5.38 19.60
CA LEU B 200 19.03 -5.27 19.63
C LEU B 200 18.65 -6.44 20.49
N GLU B 201 17.97 -6.14 21.59
CA GLU B 201 17.46 -7.20 22.47
C GLU B 201 15.94 -7.29 22.45
N ALA B 202 15.44 -8.48 22.14
CA ALA B 202 14.03 -8.77 22.02
C ALA B 202 13.50 -9.39 23.34
N TRP B 203 12.38 -8.89 23.85
CA TRP B 203 11.67 -9.59 24.95
C TRP B 203 10.37 -10.23 24.39
N VAL B 204 10.29 -11.56 24.38
CA VAL B 204 9.08 -12.24 23.85
C VAL B 204 8.12 -12.54 24.97
N ILE B 205 7.02 -11.78 24.98
CA ILE B 205 6.02 -11.89 26.05
C ILE B 205 5.18 -13.16 25.85
N HIS B 206 5.16 -14.05 26.83
CA HIS B 206 4.27 -15.21 26.74
C HIS B 206 2.83 -14.83 27.14
N GLY B 207 1.85 -15.50 26.55
CA GLY B 207 0.46 -15.36 26.99
C GLY B 207 0.08 -16.41 28.03
N GLY B 208 -0.46 -15.93 29.15
CA GLY B 208 -0.83 -16.72 30.31
C GLY B 208 -0.25 -18.11 30.43
N ARG B 209 -1.12 -19.10 30.30
CA ARG B 209 -0.77 -20.53 30.29
C ARG B 209 0.60 -20.88 29.67
N GLU B 210 0.71 -20.83 28.33
CA GLU B 210 1.88 -21.38 27.58
C GLU B 210 3.27 -20.90 28.05
N ASP B 211 3.95 -21.70 28.87
CA ASP B 211 5.30 -21.32 29.33
C ASP B 211 6.30 -22.47 29.20
N SER B 212 5.97 -23.42 28.34
CA SER B 212 6.71 -24.66 28.19
C SER B 212 7.75 -24.57 27.08
N ARG B 213 7.72 -23.49 26.29
CA ARG B 213 8.62 -23.36 25.15
C ARG B 213 9.53 -22.15 25.21
N ASP B 214 10.67 -22.21 24.51
CA ASP B 214 11.58 -21.06 24.37
C ASP B 214 11.29 -20.40 23.02
N LEU B 215 10.62 -19.26 23.03
CA LEU B 215 10.12 -18.67 21.77
C LEU B 215 11.25 -17.97 20.99
N CYS B 216 12.39 -17.75 21.65
CA CYS B 216 13.54 -17.24 20.93
C CYS B 216 13.97 -18.23 19.87
N GLN B 217 13.18 -19.31 19.80
CA GLN B 217 13.40 -20.43 18.89
C GLN B 217 12.37 -20.42 17.77
N ASP B 218 11.27 -19.69 17.96
CA ASP B 218 10.30 -19.57 16.86
C ASP B 218 11.09 -19.29 15.59
N PRO B 219 10.58 -19.76 14.44
CA PRO B 219 11.19 -19.43 13.15
C PRO B 219 11.32 -17.93 12.92
N THR B 220 10.28 -17.18 13.27
CA THR B 220 10.27 -15.73 12.94
C THR B 220 11.28 -14.91 13.75
N ILE B 221 11.62 -15.40 14.95
CA ILE B 221 12.67 -14.79 15.75
C ILE B 221 14.03 -15.10 15.11
N LYS B 222 14.18 -16.31 14.61
CA LYS B 222 15.42 -16.68 13.93
C LYS B 222 15.55 -15.85 12.66
N GLU B 223 14.41 -15.51 12.06
CA GLU B 223 14.42 -14.60 10.92
C GLU B 223 14.85 -13.23 11.35
N LEU B 224 14.23 -12.72 12.42
CA LEU B 224 14.62 -11.46 13.01
C LEU B 224 16.12 -11.46 13.29
N GLU B 225 16.59 -12.52 13.94
CA GLU B 225 18.00 -12.65 14.27
C GLU B 225 18.94 -12.53 13.08
N SER B 226 18.55 -13.13 11.95
CA SER B 226 19.36 -13.10 10.72
C SER B 226 19.43 -11.71 10.13
N ILE B 227 18.28 -11.07 10.04
CA ILE B 227 18.19 -9.70 9.60
C ILE B 227 19.05 -8.71 10.35
N ILE B 228 19.17 -8.84 11.67
CA ILE B 228 19.94 -7.80 12.37
C ILE B 228 21.43 -8.10 12.40
N SER B 229 21.77 -9.39 12.44
CA SER B 229 23.15 -9.80 12.23
C SER B 229 23.66 -9.37 10.86
N LYS B 230 22.81 -9.44 9.83
CA LYS B 230 23.31 -8.95 8.56
C LYS B 230 23.56 -7.42 8.58
N ARG B 231 22.96 -6.71 9.55
CA ARG B 231 23.10 -5.26 9.65
C ARG B 231 24.34 -4.91 10.50
N ASN B 232 25.04 -5.94 10.93
CA ASN B 232 26.20 -5.81 11.79
C ASN B 232 25.79 -5.32 13.18
N ILE B 233 24.68 -5.85 13.72
CA ILE B 233 24.21 -5.49 15.05
C ILE B 233 24.12 -6.78 15.84
N GLN B 234 24.59 -6.80 17.09
CA GLN B 234 24.44 -7.99 17.95
C GLN B 234 22.97 -8.32 18.25
N PHE B 235 22.61 -9.61 18.30
CA PHE B 235 21.21 -10.00 18.64
C PHE B 235 21.01 -10.75 19.96
N SER B 236 20.00 -10.34 20.72
CA SER B 236 19.79 -10.96 22.04
C SER B 236 18.33 -11.21 22.12
N CYS B 237 17.94 -12.25 22.87
CA CYS B 237 16.57 -12.54 23.08
C CYS B 237 16.29 -13.10 24.47
N LYS B 238 15.30 -12.52 25.14
CA LYS B 238 14.82 -13.10 26.41
C LYS B 238 13.33 -13.48 26.26
N ASN B 239 12.93 -14.59 26.89
CA ASN B 239 11.52 -14.98 27.10
C ASN B 239 10.94 -14.29 28.35
N ILE B 240 9.72 -13.77 28.27
CA ILE B 240 9.04 -13.25 29.43
C ILE B 240 7.81 -14.10 29.68
N TYR B 241 8.00 -15.14 30.51
CA TYR B 241 6.98 -16.17 30.75
C TYR B 241 5.87 -15.67 31.63
N ARG B 242 6.20 -14.95 32.70
CA ARG B 242 5.17 -14.42 33.57
C ARG B 242 5.11 -12.89 33.43
N PRO B 243 4.32 -12.40 32.42
CA PRO B 243 4.27 -10.97 32.14
C PRO B 243 3.64 -10.22 33.30
N ASP B 244 2.62 -10.84 33.87
CA ASP B 244 1.95 -10.28 35.03
C ASP B 244 2.96 -10.04 36.15
N LYS B 245 3.74 -11.05 36.51
CA LYS B 245 4.73 -10.85 37.55
C LYS B 245 5.79 -9.84 37.10
N PHE B 246 6.26 -9.98 35.86
CA PHE B 246 7.27 -9.07 35.30
C PHE B 246 6.93 -7.61 35.58
N LEU B 247 5.76 -7.17 35.15
CA LEU B 247 5.32 -5.78 35.38
C LEU B 247 5.35 -5.34 36.83
N GLN B 248 4.95 -6.25 37.75
CA GLN B 248 4.95 -5.87 39.16
C GLN B 248 6.38 -5.83 39.74
N CYS B 249 7.29 -6.58 39.13
CA CYS B 249 8.71 -6.56 39.51
C CYS B 249 9.40 -5.28 39.03
N VAL B 250 8.88 -4.73 37.94
CA VAL B 250 9.34 -3.43 37.44
C VAL B 250 8.89 -2.29 38.36
N LYS B 251 7.69 -2.43 38.93
CA LYS B 251 7.14 -1.42 39.81
C LYS B 251 7.77 -1.57 41.18
N ASN B 252 7.88 -2.81 41.66
CA ASN B 252 8.46 -3.06 42.98
C ASN B 252 9.69 -3.92 42.91
N PRO B 253 10.74 -3.41 42.23
CA PRO B 253 11.95 -4.22 42.13
C PRO B 253 12.42 -4.39 43.56
N GLU B 254 12.81 -5.61 43.94
CA GLU B 254 13.12 -5.92 45.35
C GLU B 254 11.95 -6.63 46.06
N ASP B 255 10.79 -6.72 45.40
CA ASP B 255 9.87 -7.79 45.77
C ASP B 255 10.74 -9.04 45.64
N SER B 256 10.89 -9.79 46.71
CA SER B 256 11.70 -11.01 46.64
C SER B 256 10.92 -12.12 45.93
N SER B 257 10.67 -11.94 44.65
CA SER B 257 10.17 -13.01 43.81
C SER B 257 10.55 -12.62 42.41
N CYS B 258 11.69 -11.94 42.32
CA CYS B 258 12.21 -11.51 41.04
C CYS B 258 13.61 -12.08 40.85
PA AVW C . -12.35 -0.49 -16.87
PN AVW C . -10.00 0.44 -15.73
N1A AVW C . -17.41 -1.89 -12.52
O1A AVW C . -13.43 0.34 -17.52
O1N AVW C . -9.59 1.86 -15.62
C2A AVW C . -16.37 -1.83 -13.41
O2A AVW C . -12.24 -1.88 -17.49
O2N AVW C . -10.66 -0.22 -14.53
O3 AVW C . -10.95 0.37 -17.01
N3A AVW C . -15.10 -2.18 -13.03
C4A AVW C . -14.81 -2.61 -11.75
C5A AVW C . -15.87 -2.68 -10.83
C6A AVW C . -17.17 -2.31 -11.23
N6A AVW C . -18.18 -2.38 -10.31
N7A AVW C . -15.35 -3.11 -9.66
C8A AVW C . -14.02 -3.30 -9.84
N9A AVW C . -13.67 -3.01 -11.11
C1'A AVW C . -12.26 -3.12 -11.70
C1'N AVW C . -5.16 -1.16 -15.45
C2'A AVW C . -11.99 -4.45 -12.48
O2'A AVW C . -10.88 -5.25 -12.01
C2'N AVW C . -4.58 -1.03 -16.82
F2'N AVW C . -3.26 -0.71 -16.66
C3'A AVW C . -11.72 -4.07 -13.93
O3'A AVW C . -10.46 -4.64 -14.36
C3'N AVW C . -5.40 0.07 -17.49
O3'N AVW C . -4.65 1.17 -17.73
C4'A AVW C . -11.74 -2.53 -13.94
O4'A AVW C . -12.02 -2.04 -12.62
C4'N AVW C . -6.49 0.50 -16.53
O4'N AVW C . -6.13 -0.12 -15.28
C5'A AVW C . -12.83 -1.98 -14.82
O5'A AVW C . -12.59 -0.63 -15.24
C5'N AVW C . -7.78 -0.14 -17.03
O5'N AVW C . -8.70 -0.49 -15.98
PA AVW D . 1.86 -2.24 12.86
PN AVW D . 3.92 -2.23 14.98
N1A AVW D . -3.29 -3.78 13.17
O1A AVW D . 2.43 -3.25 11.87
O1N AVW D . 3.50 -2.70 16.37
C2A AVW D . -2.68 -3.44 12.01
O2A AVW D . 0.40 -2.24 13.15
O2N AVW D . 4.97 -2.97 14.25
O3 AVW D . 2.46 -2.43 14.33
N3A AVW D . -2.25 -2.17 11.82
C4A AVW D . -2.44 -1.20 12.79
C5A AVW D . -3.08 -1.53 13.99
C6A AVW D . -3.51 -2.86 14.15
N6A AVW D . -4.14 -3.20 15.31
N7A AVW D . -3.13 -0.40 14.73
C8A AVW D . -2.54 0.60 14.03
N9A AVW D . -2.13 0.10 12.85
C1'A AVW D . -1.43 0.82 11.76
C1'N AVW D . 6.52 2.24 15.71
C2'A AVW D . -1.04 2.22 12.20
O2'A AVW D . -1.84 3.12 11.43
C2'N AVW D . 6.99 2.09 17.15
F2'N AVW D . 8.30 2.43 17.23
C3'A AVW D . 0.43 2.35 11.85
O3'A AVW D . 0.56 3.01 10.58
C3'N AVW D . 6.89 0.60 17.45
O3'N AVW D . 8.15 0.11 17.92
C4'A AVW D . 0.92 0.92 11.69
O4'A AVW D . -0.22 0.12 11.40
C4'N AVW D . 6.36 -0.04 16.16
O4'N AVW D . 6.59 0.94 15.12
C5'A AVW D . 1.51 0.37 12.97
O5'A AVW D . 2.26 -0.73 12.48
C5'N AVW D . 4.84 -0.23 16.36
O5'N AVW D . 4.20 -0.66 15.16
#